data_8ISA
#
_entry.id   8ISA
#
_cell.length_a   50.410
_cell.length_b   59.940
_cell.length_c   168.120
_cell.angle_alpha   90.00
_cell.angle_beta   90.00
_cell.angle_gamma   90.00
#
_symmetry.space_group_name_H-M   'C 2 2 21'
#
loop_
_entity.id
_entity.type
_entity.pdbx_description
1 polymer CrtM
2 non-polymer 'GERANYL S-THIOLODIPHOSPHATE'
3 water water
#
_entity_poly.entity_id   1
_entity_poly.type   'polypeptide(L)'
_entity_poly.pdbx_seq_one_letter_code
;MMDLNNAYDHCKNIIEKHSKTFSKAFAMLPKHQKRAVWAIYAFCRRADDIVDEGENPKEELEAFAVEFDLFMEGRLETED
PCWIALQDAFERFPLDPAPFYEMIVGQRMDLYPKTIDTKDDLLHYCYHVASTVGLMLLPVLAPGKVSRVKTGAIELGYAM
QITNILRDIGEDLDNHRIYIPKQMMIEYGYTRTDLHNKKVNEAFIQLWEDLAQDAEHYYRNALATLPEYPVYSRTPVGGA
AKMYRAIIQTVRNNDYQVFGKRNYVSDQMKKQIIAEMQ
;
_entity_poly.pdbx_strand_id   A
#
loop_
_chem_comp.id
_chem_comp.type
_chem_comp.name
_chem_comp.formula
GST non-polymer 'GERANYL S-THIOLODIPHOSPHATE' 'C10 H20 O6 P2 S'
#
# COMPACT_ATOMS: atom_id res chain seq x y z
N ASP A 3 -19.65 13.30 15.96
CA ASP A 3 -18.83 12.90 17.09
C ASP A 3 -17.86 11.81 16.67
N LEU A 4 -17.06 11.33 17.62
CA LEU A 4 -15.99 10.40 17.31
C LEU A 4 -16.49 9.11 16.69
N ASN A 5 -17.54 8.53 17.28
CA ASN A 5 -18.05 7.26 16.77
C ASN A 5 -18.49 7.38 15.32
N ASN A 6 -19.11 8.50 14.96
CA ASN A 6 -19.57 8.69 13.59
C ASN A 6 -18.40 8.98 12.66
N ALA A 7 -17.40 9.73 13.14
CA ALA A 7 -16.24 10.01 12.30
C ALA A 7 -15.51 8.72 11.95
N TYR A 8 -15.33 7.84 12.93
CA TYR A 8 -14.69 6.57 12.62
C TYR A 8 -15.56 5.72 11.71
N ASP A 9 -16.88 5.73 11.95
CA ASP A 9 -17.81 4.98 11.09
C ASP A 9 -17.67 5.43 9.64
N HIS A 10 -17.47 6.73 9.41
CA HIS A 10 -17.25 7.19 8.05
C HIS A 10 -16.00 6.59 7.45
N CYS A 11 -14.94 6.45 8.27
CA CYS A 11 -13.71 5.81 7.81
C CYS A 11 -13.89 4.31 7.61
N LYS A 12 -14.73 3.66 8.43
CA LYS A 12 -15.08 2.26 8.21
C LYS A 12 -15.70 2.07 6.83
N ASN A 13 -16.59 2.98 6.44
CA ASN A 13 -17.23 2.87 5.13
C ASN A 13 -16.24 3.09 4.02
N ILE A 14 -15.27 4.00 4.23
CA ILE A 14 -14.25 4.25 3.22
C ILE A 14 -13.42 3.00 2.97
N ILE A 15 -12.94 2.35 4.04
CA ILE A 15 -12.09 1.18 3.87
C ILE A 15 -12.89 0.03 3.30
N GLU A 16 -14.15 -0.14 3.72
CA GLU A 16 -14.97 -1.20 3.19
C GLU A 16 -15.27 -1.00 1.71
N LYS A 17 -15.36 0.26 1.26
CA LYS A 17 -15.66 0.53 -0.14
C LYS A 17 -14.43 0.35 -1.02
N HIS A 18 -13.25 0.74 -0.54
CA HIS A 18 -12.06 0.82 -1.39
C HIS A 18 -11.07 -0.32 -1.18
N SER A 19 -11.17 -1.07 -0.07
CA SER A 19 -10.27 -2.21 0.15
C SER A 19 -10.98 -3.25 0.99
N LYS A 20 -11.73 -4.15 0.33
CA LYS A 20 -12.26 -5.31 1.03
C LYS A 20 -11.14 -6.16 1.60
N THR A 21 -9.95 -6.10 1.00
CA THR A 21 -8.79 -6.81 1.52
C THR A 21 -8.44 -6.33 2.92
N PHE A 22 -8.19 -5.03 3.07
CA PHE A 22 -7.79 -4.51 4.37
C PHE A 22 -8.97 -4.44 5.34
N SER A 23 -10.18 -4.20 4.83
CA SER A 23 -11.32 -4.11 5.74
C SER A 23 -11.64 -5.47 6.35
N LYS A 24 -11.58 -6.54 5.54
CA LYS A 24 -11.76 -7.87 6.10
C LYS A 24 -10.61 -8.24 7.03
N ALA A 25 -9.38 -7.92 6.63
CA ALA A 25 -8.22 -8.31 7.44
C ALA A 25 -8.31 -7.73 8.84
N PHE A 26 -8.59 -6.44 8.94
CA PHE A 26 -8.44 -5.73 10.20
C PHE A 26 -9.75 -5.58 10.95
N ALA A 27 -10.85 -6.11 10.40
CA ALA A 27 -12.11 -6.10 11.14
C ALA A 27 -12.02 -6.93 12.41
N MET A 28 -11.02 -7.80 12.51
CA MET A 28 -10.77 -8.67 13.64
C MET A 28 -9.98 -8.00 14.76
N LEU A 29 -9.47 -6.78 14.54
CA LEU A 29 -8.67 -6.14 15.58
C LEU A 29 -9.55 -5.66 16.72
N PRO A 30 -8.98 -5.52 17.91
CA PRO A 30 -9.73 -4.95 19.03
C PRO A 30 -10.18 -3.53 18.71
N LYS A 31 -11.28 -3.12 19.34
CA LYS A 31 -12.08 -1.97 18.89
C LYS A 31 -11.24 -0.73 18.58
N HIS A 32 -10.49 -0.21 19.57
CA HIS A 32 -9.83 1.08 19.37
C HIS A 32 -8.69 0.99 18.39
N GLN A 33 -8.02 -0.16 18.31
CA GLN A 33 -6.98 -0.33 17.31
C GLN A 33 -7.57 -0.47 15.90
N LYS A 34 -8.67 -1.21 15.78
CA LYS A 34 -9.40 -1.30 14.52
C LYS A 34 -9.77 0.08 14.01
N ARG A 35 -10.35 0.92 14.89
CA ARG A 35 -10.78 2.25 14.49
C ARG A 35 -9.60 3.09 14.04
N ALA A 36 -8.48 3.03 14.77
CA ALA A 36 -7.27 3.74 14.34
C ALA A 36 -6.84 3.28 12.96
N VAL A 37 -6.87 1.97 12.68
CA VAL A 37 -6.50 1.48 11.35
C VAL A 37 -7.38 2.12 10.29
N TRP A 38 -8.70 2.21 10.56
CA TRP A 38 -9.60 2.86 9.61
C TRP A 38 -9.16 4.29 9.32
N ALA A 39 -8.80 5.03 10.37
CA ALA A 39 -8.46 6.44 10.18
C ALA A 39 -7.14 6.57 9.44
N ILE A 40 -6.19 5.67 9.74
CA ILE A 40 -4.91 5.71 9.05
C ILE A 40 -5.09 5.33 7.59
N TYR A 41 -5.88 4.29 7.32
CA TYR A 41 -6.18 3.94 5.93
C TYR A 41 -6.80 5.11 5.19
N ALA A 42 -7.71 5.83 5.85
CA ALA A 42 -8.41 6.92 5.18
C ALA A 42 -7.45 8.02 4.78
N PHE A 43 -6.44 8.30 5.60
CA PHE A 43 -5.39 9.26 5.23
C PHE A 43 -4.69 8.82 3.95
N CYS A 44 -4.29 7.55 3.89
CA CYS A 44 -3.56 7.04 2.72
C CYS A 44 -4.45 7.02 1.49
N ARG A 45 -5.69 6.59 1.65
CA ARG A 45 -6.62 6.50 0.53
C ARG A 45 -6.94 7.87 -0.02
N ARG A 46 -7.14 8.87 0.85
CA ARG A 46 -7.42 10.22 0.36
C ARG A 46 -6.25 10.76 -0.45
N ALA A 47 -5.03 10.64 0.08
CA ALA A 47 -3.88 11.17 -0.65
C ALA A 47 -3.70 10.46 -1.99
N ASP A 48 -3.84 9.13 -2.00
CA ASP A 48 -3.66 8.39 -3.24
C ASP A 48 -4.75 8.73 -4.26
N ASP A 49 -5.99 8.88 -3.79
CA ASP A 49 -7.10 9.21 -4.67
C ASP A 49 -6.95 10.61 -5.26
N ILE A 50 -6.41 11.54 -4.48
CA ILE A 50 -6.16 12.89 -5.01
C ILE A 50 -5.25 12.82 -6.23
N VAL A 51 -4.14 12.08 -6.08
CA VAL A 51 -3.12 12.04 -7.13
C VAL A 51 -3.60 11.22 -8.32
N ASP A 52 -4.29 10.10 -8.06
CA ASP A 52 -4.65 9.18 -9.13
C ASP A 52 -5.96 9.52 -9.81
N GLU A 53 -6.84 10.27 -9.15
CA GLU A 53 -8.16 10.51 -9.74
C GLU A 53 -8.63 11.95 -9.61
N GLY A 54 -7.80 12.87 -9.14
CA GLY A 54 -8.19 14.26 -9.08
C GLY A 54 -7.97 14.98 -10.39
N GLU A 55 -8.82 15.98 -10.65
CA GLU A 55 -8.71 16.77 -11.88
C GLU A 55 -7.54 17.74 -11.81
N ASN A 56 -7.34 18.38 -10.66
CA ASN A 56 -6.20 19.25 -10.41
C ASN A 56 -5.39 18.66 -9.26
N PRO A 57 -4.73 17.52 -9.48
CA PRO A 57 -4.14 16.78 -8.35
C PRO A 57 -3.09 17.54 -7.57
N LYS A 58 -2.31 18.40 -8.22
CA LYS A 58 -1.25 19.10 -7.49
C LYS A 58 -1.84 20.12 -6.53
N GLU A 59 -2.83 20.89 -6.98
CA GLU A 59 -3.47 21.84 -6.07
C GLU A 59 -4.17 21.11 -4.92
N GLU A 60 -4.85 20.01 -5.21
CA GLU A 60 -5.56 19.30 -4.16
C GLU A 60 -4.62 18.61 -3.20
N LEU A 61 -3.47 18.12 -3.69
CA LEU A 61 -2.53 17.51 -2.74
C LEU A 61 -1.85 18.56 -1.88
N GLU A 62 -1.56 19.76 -2.45
CA GLU A 62 -1.02 20.82 -1.63
C GLU A 62 -2.01 21.22 -0.53
N ALA A 63 -3.30 21.25 -0.86
CA ALA A 63 -4.30 21.58 0.16
C ALA A 63 -4.36 20.50 1.23
N PHE A 64 -4.28 19.22 0.83
CA PHE A 64 -4.23 18.12 1.79
C PHE A 64 -2.99 18.22 2.68
N ALA A 65 -1.83 18.53 2.09
CA ALA A 65 -0.62 18.64 2.90
C ALA A 65 -0.73 19.80 3.89
N VAL A 66 -1.38 20.90 3.49
CA VAL A 66 -1.54 22.02 4.41
C VAL A 66 -2.49 21.64 5.55
N GLU A 67 -3.55 20.89 5.24
CA GLU A 67 -4.40 20.39 6.31
C GLU A 67 -3.60 19.52 7.28
N PHE A 68 -2.68 18.69 6.77
CA PHE A 68 -1.89 17.89 7.69
C PHE A 68 -0.92 18.76 8.50
N ASP A 69 -0.37 19.82 7.89
CA ASP A 69 0.42 20.77 8.67
C ASP A 69 -0.38 21.34 9.83
N LEU A 70 -1.60 21.84 9.53
CA LEU A 70 -2.44 22.39 10.58
C LEU A 70 -2.78 21.32 11.62
N PHE A 71 -3.12 20.12 11.15
CA PHE A 71 -3.41 18.98 12.02
C PHE A 71 -2.28 18.77 13.02
N MET A 72 -1.03 18.77 12.54
CA MET A 72 0.08 18.46 13.42
C MET A 72 0.39 19.60 14.39
N GLU A 73 -0.03 20.82 14.08
CA GLU A 73 0.10 21.95 14.99
C GLU A 73 -1.10 22.10 15.92
N GLY A 74 -2.11 21.23 15.79
CA GLY A 74 -3.33 21.35 16.56
C GLY A 74 -4.20 22.52 16.16
N ARG A 75 -4.04 23.00 14.92
CA ARG A 75 -4.74 24.19 14.44
C ARG A 75 -5.75 23.88 13.35
N LEU A 76 -6.07 22.61 13.10
CA LEU A 76 -7.01 22.27 12.03
C LEU A 76 -8.43 22.30 12.59
N GLU A 77 -9.24 23.24 12.11
CA GLU A 77 -10.67 23.25 12.40
C GLU A 77 -11.37 22.69 11.18
N THR A 78 -12.09 21.58 11.34
CA THR A 78 -12.61 20.88 10.17
C THR A 78 -13.88 20.13 10.53
N GLU A 79 -14.69 19.85 9.51
CA GLU A 79 -15.78 18.91 9.64
C GLU A 79 -15.50 17.61 8.92
N ASP A 80 -14.29 17.45 8.39
CA ASP A 80 -13.91 16.25 7.65
C ASP A 80 -13.82 15.07 8.61
N PRO A 81 -14.68 14.06 8.47
CA PRO A 81 -14.62 12.92 9.41
C PRO A 81 -13.29 12.23 9.41
N CYS A 82 -12.57 12.21 8.29
CA CYS A 82 -11.28 11.52 8.27
C CYS A 82 -10.28 12.23 9.17
N TRP A 83 -10.29 13.56 9.17
CA TRP A 83 -9.38 14.28 10.06
C TRP A 83 -9.83 14.18 11.51
N ILE A 84 -11.14 14.21 11.77
CA ILE A 84 -11.63 14.08 13.14
C ILE A 84 -11.22 12.72 13.72
N ALA A 85 -11.38 11.66 12.94
CA ALA A 85 -11.00 10.33 13.42
C ALA A 85 -9.49 10.23 13.62
N LEU A 86 -8.71 10.70 12.64
CA LEU A 86 -7.27 10.63 12.77
C LEU A 86 -6.77 11.45 13.96
N GLN A 87 -7.43 12.58 14.26
CA GLN A 87 -7.01 13.36 15.41
C GLN A 87 -7.11 12.54 16.69
N ASP A 88 -8.19 11.77 16.84
CA ASP A 88 -8.30 10.88 17.99
C ASP A 88 -7.25 9.78 17.96
N ALA A 89 -6.99 9.19 16.78
CA ALA A 89 -6.01 8.12 16.71
C ALA A 89 -4.63 8.60 17.18
N PHE A 90 -4.23 9.81 16.78
CA PHE A 90 -2.94 10.38 17.20
C PHE A 90 -2.94 10.73 18.68
N GLU A 91 -4.10 11.13 19.21
CA GLU A 91 -4.20 11.43 20.63
C GLU A 91 -4.15 10.17 21.46
N ARG A 92 -4.63 9.06 20.90
CA ARG A 92 -4.86 7.81 21.63
C ARG A 92 -3.68 6.86 21.60
N PHE A 93 -2.90 6.83 20.53
CA PHE A 93 -1.77 5.94 20.30
C PHE A 93 -0.56 6.79 19.92
N PRO A 94 0.66 6.33 20.21
CA PRO A 94 1.88 7.06 19.78
C PRO A 94 2.19 6.85 18.31
N LEU A 95 1.24 7.24 17.46
CA LEU A 95 1.50 7.34 16.03
C LEU A 95 2.64 8.31 15.76
N ASP A 96 3.50 7.93 14.84
CA ASP A 96 4.67 8.72 14.48
C ASP A 96 4.34 9.57 13.26
N PRO A 97 4.41 10.91 13.32
CA PRO A 97 4.09 11.70 12.12
C PRO A 97 5.01 11.45 10.95
N ALA A 98 6.25 10.96 11.17
CA ALA A 98 7.22 10.87 10.07
C ALA A 98 6.70 10.09 8.87
N PRO A 99 6.18 8.87 9.00
CA PRO A 99 5.72 8.17 7.79
C PRO A 99 4.53 8.82 7.13
N PHE A 100 3.74 9.62 7.86
CA PHE A 100 2.64 10.36 7.24
C PHE A 100 3.19 11.44 6.32
N TYR A 101 4.18 12.21 6.80
CA TYR A 101 4.87 13.15 5.93
C TYR A 101 5.50 12.45 4.74
N GLU A 102 6.13 11.30 4.98
CA GLU A 102 6.83 10.62 3.90
C GLU A 102 5.88 10.04 2.86
N MET A 103 4.65 9.68 3.28
CA MET A 103 3.68 9.21 2.29
C MET A 103 3.27 10.37 1.39
N ILE A 104 3.17 11.59 1.94
CA ILE A 104 2.85 12.74 1.09
C ILE A 104 3.97 12.98 0.10
N VAL A 105 5.23 12.82 0.54
CA VAL A 105 6.36 12.89 -0.39
C VAL A 105 6.19 11.85 -1.50
N GLY A 106 5.82 10.63 -1.13
CA GLY A 106 5.61 9.59 -2.15
C GLY A 106 4.53 9.97 -3.13
N GLN A 107 3.43 10.51 -2.63
CA GLN A 107 2.36 10.87 -3.55
C GLN A 107 2.76 12.03 -4.44
N ARG A 108 3.57 12.97 -3.92
CA ARG A 108 4.18 13.98 -4.78
C ARG A 108 4.96 13.36 -5.93
N MET A 109 5.63 12.22 -5.68
CA MET A 109 6.34 11.52 -6.76
C MET A 109 5.40 11.15 -7.90
N ASP A 110 4.16 10.83 -7.59
CA ASP A 110 3.24 10.33 -8.59
C ASP A 110 2.44 11.44 -9.24
N LEU A 111 2.71 12.70 -8.88
CA LEU A 111 2.16 13.83 -9.63
C LEU A 111 2.81 13.97 -11.00
N TYR A 112 3.98 13.37 -11.19
CA TYR A 112 4.77 13.58 -12.38
C TYR A 112 5.06 12.25 -13.07
N PRO A 113 5.47 12.26 -14.33
CA PRO A 113 5.81 11.00 -15.00
C PRO A 113 6.98 10.34 -14.31
N LYS A 114 7.11 9.03 -14.51
CA LYS A 114 8.10 8.27 -13.77
C LYS A 114 9.43 8.28 -14.49
N THR A 115 10.50 8.24 -13.70
CA THR A 115 11.85 8.12 -14.23
C THR A 115 12.63 7.06 -13.45
N ILE A 116 12.04 5.86 -13.34
CA ILE A 116 12.60 4.75 -12.56
C ILE A 116 13.69 4.08 -13.39
N ASP A 117 14.94 4.21 -12.94
CA ASP A 117 16.05 3.67 -13.70
C ASP A 117 16.54 2.34 -13.13
N THR A 118 16.69 2.24 -11.81
CA THR A 118 17.24 1.05 -11.15
C THR A 118 16.23 0.45 -10.17
N LYS A 119 16.53 -0.77 -9.74
CA LYS A 119 15.78 -1.41 -8.66
C LYS A 119 15.79 -0.56 -7.40
N ASP A 120 16.92 0.09 -7.11
CA ASP A 120 16.97 0.96 -5.94
C ASP A 120 15.99 2.12 -6.09
N ASP A 121 15.90 2.69 -7.30
CA ASP A 121 14.86 3.71 -7.56
C ASP A 121 13.47 3.15 -7.29
N LEU A 122 13.23 1.92 -7.69
CA LEU A 122 11.92 1.29 -7.49
C LEU A 122 11.63 1.10 -6.01
N LEU A 123 12.62 0.61 -5.26
CA LEU A 123 12.45 0.43 -3.83
C LEU A 123 12.24 1.77 -3.14
N HIS A 124 12.91 2.83 -3.61
CA HIS A 124 12.68 4.15 -3.03
C HIS A 124 11.23 4.58 -3.20
N TYR A 125 10.67 4.36 -4.40
CA TYR A 125 9.27 4.65 -4.64
C TYR A 125 8.38 3.83 -3.73
N CYS A 126 8.59 2.50 -3.70
CA CYS A 126 7.75 1.62 -2.89
C CYS A 126 7.83 1.98 -1.42
N TYR A 127 9.01 2.36 -0.94
CA TYR A 127 9.12 2.77 0.45
C TYR A 127 8.14 3.91 0.75
N HIS A 128 8.12 4.92 -0.12
CA HIS A 128 7.37 6.12 0.24
C HIS A 128 5.87 5.97 0.06
N VAL A 129 5.40 5.14 -0.89
CA VAL A 129 3.95 5.01 -1.08
C VAL A 129 3.37 3.75 -0.44
N ALA A 130 4.21 2.85 0.07
CA ALA A 130 3.68 1.61 0.63
C ALA A 130 4.31 1.25 1.99
N SER A 131 5.64 1.19 2.08
CA SER A 131 6.28 0.91 3.36
C SER A 131 5.83 1.89 4.43
N THR A 132 5.62 3.15 4.05
CA THR A 132 5.15 4.13 5.02
C THR A 132 3.80 3.75 5.62
N VAL A 133 2.93 3.11 4.84
CA VAL A 133 1.65 2.66 5.38
C VAL A 133 1.88 1.69 6.51
N GLY A 134 2.77 0.72 6.29
CA GLY A 134 3.11 -0.20 7.35
C GLY A 134 3.62 0.53 8.58
N LEU A 135 4.49 1.51 8.38
CA LEU A 135 5.06 2.23 9.51
C LEU A 135 4.00 3.03 10.24
N MET A 136 3.04 3.65 9.51
CA MET A 136 1.97 4.36 10.20
C MET A 136 1.17 3.44 11.10
N LEU A 137 0.93 2.23 10.64
CA LEU A 137 0.07 1.29 11.36
C LEU A 137 0.76 0.62 12.54
N LEU A 138 2.09 0.55 12.57
CA LEU A 138 2.73 -0.34 13.53
C LEU A 138 2.36 -0.06 14.98
N PRO A 139 2.23 1.18 15.45
CA PRO A 139 1.90 1.35 16.87
C PRO A 139 0.55 0.81 17.24
N VAL A 140 -0.37 0.66 16.29
CA VAL A 140 -1.66 0.08 16.62
C VAL A 140 -1.73 -1.42 16.31
N LEU A 141 -0.90 -1.92 15.40
CA LEU A 141 -0.90 -3.36 15.17
C LEU A 141 0.00 -4.09 16.14
N ALA A 142 1.00 -3.43 16.68
CA ALA A 142 1.96 -4.07 17.59
C ALA A 142 2.35 -3.12 18.70
N PRO A 143 1.42 -2.73 19.57
CA PRO A 143 1.75 -1.80 20.66
C PRO A 143 2.92 -2.30 21.50
N GLY A 144 3.90 -1.42 21.71
CA GLY A 144 5.07 -1.76 22.50
C GLY A 144 6.08 -2.65 21.81
N LYS A 145 5.79 -3.09 20.58
CA LYS A 145 6.67 -4.02 19.89
C LYS A 145 7.06 -3.51 18.50
N VAL A 146 6.95 -2.20 18.29
CA VAL A 146 7.14 -1.63 16.96
C VAL A 146 8.55 -1.93 16.43
N SER A 147 9.56 -1.75 17.28
CA SER A 147 10.94 -1.88 16.81
C SER A 147 11.25 -3.30 16.32
N ARG A 148 10.60 -4.31 16.91
CA ARG A 148 10.91 -5.67 16.49
C ARG A 148 10.34 -6.02 15.12
N VAL A 149 9.18 -5.47 14.76
CA VAL A 149 8.51 -5.85 13.53
C VAL A 149 8.71 -4.84 12.41
N LYS A 150 9.46 -3.78 12.67
CA LYS A 150 9.54 -2.67 11.75
C LYS A 150 10.14 -3.07 10.40
N THR A 151 11.25 -3.82 10.40
CA THR A 151 11.89 -4.15 9.13
C THR A 151 10.96 -5.01 8.27
N GLY A 152 10.26 -5.94 8.90
CA GLY A 152 9.31 -6.75 8.16
C GLY A 152 8.15 -5.95 7.61
N ALA A 153 7.75 -4.88 8.31
CA ALA A 153 6.64 -4.06 7.82
C ALA A 153 7.08 -3.26 6.61
N ILE A 154 8.30 -2.73 6.63
CA ILE A 154 8.84 -2.04 5.46
C ILE A 154 8.91 -2.99 4.26
N GLU A 155 9.39 -4.21 4.50
CA GLU A 155 9.52 -5.18 3.42
C GLU A 155 8.15 -5.67 2.93
N LEU A 156 7.15 -5.74 3.81
CA LEU A 156 5.80 -6.05 3.35
C LEU A 156 5.29 -4.97 2.42
N GLY A 157 5.61 -3.71 2.72
CA GLY A 157 5.29 -2.63 1.81
C GLY A 157 5.94 -2.82 0.45
N TYR A 158 7.23 -3.20 0.43
CA TYR A 158 7.89 -3.50 -0.84
C TYR A 158 7.17 -4.62 -1.58
N ALA A 159 6.87 -5.71 -0.88
CA ALA A 159 6.23 -6.86 -1.50
C ALA A 159 4.91 -6.47 -2.12
N MET A 160 4.08 -5.77 -1.36
CA MET A 160 2.74 -5.43 -1.81
C MET A 160 2.78 -4.44 -2.98
N GLN A 161 3.66 -3.44 -2.92
CA GLN A 161 3.70 -2.44 -3.99
C GLN A 161 4.35 -3.01 -5.26
N ILE A 162 5.39 -3.84 -5.12
CA ILE A 162 5.91 -4.54 -6.30
C ILE A 162 4.82 -5.41 -6.94
N THR A 163 4.05 -6.11 -6.10
CA THR A 163 2.92 -6.90 -6.60
C THR A 163 1.93 -6.03 -7.37
N ASN A 164 1.56 -4.87 -6.79
CA ASN A 164 0.67 -3.95 -7.50
C ASN A 164 1.25 -3.55 -8.86
N ILE A 165 2.53 -3.18 -8.88
CA ILE A 165 3.17 -2.79 -10.14
C ILE A 165 3.09 -3.93 -11.15
N LEU A 166 3.37 -5.15 -10.71
CA LEU A 166 3.44 -6.29 -11.62
C LEU A 166 2.10 -6.64 -12.23
N ARG A 167 1.00 -6.38 -11.53
CA ARG A 167 -0.32 -6.61 -12.10
C ARG A 167 -0.92 -5.38 -12.76
N ASP A 168 -0.31 -4.21 -12.61
CA ASP A 168 -0.86 -2.98 -13.17
C ASP A 168 -0.09 -2.45 -14.37
N ILE A 169 0.82 -3.23 -14.96
CA ILE A 169 1.70 -2.69 -16.02
C ILE A 169 0.88 -2.05 -17.15
N GLY A 170 -0.19 -2.72 -17.58
CA GLY A 170 -0.98 -2.16 -18.69
C GLY A 170 -1.77 -0.94 -18.29
N GLU A 171 -2.49 -1.02 -17.16
CA GLU A 171 -3.25 0.12 -16.68
C GLU A 171 -2.35 1.32 -16.46
N ASP A 172 -1.17 1.09 -15.88
CA ASP A 172 -0.22 2.19 -15.67
C ASP A 172 0.27 2.73 -17.00
N LEU A 173 0.61 1.83 -17.94
CA LEU A 173 1.04 2.29 -19.27
C LEU A 173 -0.03 3.16 -19.93
N ASP A 174 -1.29 2.74 -19.87
CA ASP A 174 -2.39 3.54 -20.44
C ASP A 174 -2.41 4.94 -19.86
N ASN A 175 -1.95 5.10 -18.62
CA ASN A 175 -1.92 6.39 -17.94
C ASN A 175 -0.55 7.06 -18.03
N HIS A 176 0.32 6.56 -18.90
CA HIS A 176 1.67 7.10 -19.11
C HIS A 176 2.51 7.04 -17.84
N ARG A 177 2.33 5.97 -17.08
CA ARG A 177 3.15 5.65 -15.92
C ARG A 177 3.89 4.36 -16.22
N ILE A 178 5.21 4.39 -16.04
CA ILE A 178 6.05 3.20 -16.18
C ILE A 178 6.89 3.07 -14.92
N TYR A 179 6.68 1.99 -14.16
CA TYR A 179 7.42 1.73 -12.93
C TYR A 179 8.49 0.64 -13.08
N ILE A 180 8.50 -0.07 -14.20
CA ILE A 180 9.55 -1.06 -14.50
C ILE A 180 10.88 -0.34 -14.62
N PRO A 181 11.92 -0.74 -13.89
CA PRO A 181 13.21 -0.03 -14.00
C PRO A 181 13.79 -0.14 -15.40
N LYS A 182 14.20 1.01 -15.95
CA LYS A 182 14.77 1.01 -17.30
C LYS A 182 15.98 0.09 -17.39
N GLN A 183 16.83 0.07 -16.36
CA GLN A 183 18.01 -0.78 -16.41
C GLN A 183 17.64 -2.25 -16.47
N MET A 184 16.49 -2.63 -15.90
CA MET A 184 16.08 -4.02 -16.08
C MET A 184 15.55 -4.28 -17.46
N MET A 185 14.88 -3.31 -18.08
CA MET A 185 14.50 -3.52 -19.47
C MET A 185 15.73 -3.70 -20.34
N ILE A 186 16.78 -2.92 -20.10
CA ILE A 186 18.02 -3.10 -20.86
C ILE A 186 18.63 -4.46 -20.58
N GLU A 187 18.68 -4.85 -19.30
CA GLU A 187 19.31 -6.11 -18.90
C GLU A 187 18.70 -7.31 -19.61
N TYR A 188 17.37 -7.33 -19.70
CA TYR A 188 16.64 -8.46 -20.26
C TYR A 188 16.25 -8.26 -21.71
N GLY A 189 16.41 -7.05 -22.24
CA GLY A 189 16.12 -6.83 -23.65
C GLY A 189 14.66 -6.61 -23.94
N TYR A 190 13.91 -6.06 -22.99
CA TYR A 190 12.50 -5.78 -23.19
C TYR A 190 12.36 -4.33 -23.60
N THR A 191 11.87 -4.10 -24.81
CA THR A 191 11.97 -2.77 -25.38
C THR A 191 10.72 -1.95 -25.07
N ARG A 192 10.87 -0.63 -25.23
CA ARG A 192 9.73 0.26 -25.08
C ARG A 192 8.66 -0.08 -26.11
N THR A 193 9.07 -0.51 -27.31
CA THR A 193 8.08 -0.86 -28.32
C THR A 193 7.32 -2.13 -27.93
N ASP A 194 8.03 -3.10 -27.37
CA ASP A 194 7.38 -4.29 -26.81
C ASP A 194 6.33 -3.87 -25.78
N LEU A 195 6.72 -2.97 -24.89
CA LEU A 195 5.84 -2.52 -23.82
C LEU A 195 4.64 -1.77 -24.39
N HIS A 196 4.91 -0.83 -25.32
CA HIS A 196 3.84 -0.08 -25.96
C HIS A 196 2.88 -1.00 -26.70
N ASN A 197 3.39 -2.08 -27.29
CA ASN A 197 2.57 -3.06 -27.98
C ASN A 197 1.92 -4.08 -27.05
N LYS A 198 2.10 -3.94 -25.73
CA LYS A 198 1.54 -4.86 -24.75
C LYS A 198 1.91 -6.31 -25.03
N LYS A 199 3.18 -6.52 -25.41
CA LYS A 199 3.67 -7.83 -25.82
C LYS A 199 4.27 -8.58 -24.63
N VAL A 200 3.79 -9.81 -24.42
CA VAL A 200 4.45 -10.73 -23.51
C VAL A 200 5.41 -11.60 -24.31
N ASN A 201 6.70 -11.50 -24.01
CA ASN A 201 7.71 -12.31 -24.67
C ASN A 201 8.70 -12.83 -23.62
N GLU A 202 9.70 -13.57 -24.08
CA GLU A 202 10.69 -14.14 -23.16
C GLU A 202 11.35 -13.07 -22.31
N ALA A 203 11.67 -11.93 -22.92
CA ALA A 203 12.33 -10.86 -22.16
C ALA A 203 11.41 -10.33 -21.06
N PHE A 204 10.15 -10.12 -21.38
CA PHE A 204 9.18 -9.66 -20.38
C PHE A 204 9.08 -10.64 -19.22
N ILE A 205 8.99 -11.93 -19.54
CA ILE A 205 8.79 -12.93 -18.50
C ILE A 205 10.01 -12.97 -17.58
N GLN A 206 11.21 -12.84 -18.15
CA GLN A 206 12.40 -12.84 -17.32
C GLN A 206 12.40 -11.63 -16.39
N LEU A 207 12.06 -10.46 -16.91
CA LEU A 207 12.02 -9.25 -16.11
C LEU A 207 10.96 -9.37 -15.02
N TRP A 208 9.76 -9.79 -15.43
CA TRP A 208 8.64 -9.92 -14.50
C TRP A 208 8.99 -10.89 -13.37
N GLU A 209 9.59 -12.04 -13.70
CA GLU A 209 9.93 -13.02 -12.69
C GLU A 209 11.01 -12.50 -11.75
N ASP A 210 11.97 -11.73 -12.26
CA ASP A 210 13.00 -11.11 -11.42
C ASP A 210 12.35 -10.29 -10.29
N LEU A 211 11.47 -9.36 -10.66
CA LEU A 211 10.74 -8.56 -9.69
C LEU A 211 9.84 -9.44 -8.80
N ALA A 212 9.13 -10.39 -9.40
CA ALA A 212 8.21 -11.22 -8.60
C ALA A 212 8.97 -12.02 -7.56
N GLN A 213 10.17 -12.48 -7.91
CA GLN A 213 10.97 -13.22 -6.94
C GLN A 213 11.45 -12.33 -5.80
N ASP A 214 11.75 -11.06 -6.09
CA ASP A 214 12.05 -10.12 -5.01
C ASP A 214 10.82 -9.92 -4.11
N ALA A 215 9.64 -9.73 -4.72
CA ALA A 215 8.44 -9.60 -3.90
C ALA A 215 8.23 -10.83 -3.03
N GLU A 216 8.42 -12.02 -3.60
CA GLU A 216 8.24 -13.25 -2.84
C GLU A 216 9.23 -13.33 -1.68
N HIS A 217 10.46 -12.86 -1.91
CA HIS A 217 11.44 -12.79 -0.85
C HIS A 217 10.96 -11.87 0.27
N TYR A 218 10.45 -10.69 -0.10
CA TYR A 218 9.99 -9.75 0.91
C TYR A 218 8.76 -10.27 1.65
N TYR A 219 7.85 -10.97 0.96
CA TYR A 219 6.71 -11.59 1.64
C TYR A 219 7.18 -12.60 2.66
N ARG A 220 8.19 -13.41 2.29
CA ARG A 220 8.67 -14.43 3.22
C ARG A 220 9.27 -13.78 4.45
N ASN A 221 10.05 -12.72 4.26
CA ASN A 221 10.63 -12.02 5.41
C ASN A 221 9.53 -11.44 6.30
N ALA A 222 8.50 -10.83 5.69
CA ALA A 222 7.43 -10.24 6.48
C ALA A 222 6.67 -11.30 7.26
N LEU A 223 6.30 -12.39 6.58
CA LEU A 223 5.53 -13.45 7.23
C LEU A 223 6.31 -14.07 8.38
N ALA A 224 7.64 -14.08 8.29
CA ALA A 224 8.44 -14.65 9.36
C ALA A 224 8.34 -13.86 10.66
N THR A 225 7.91 -12.59 10.58
CA THR A 225 7.79 -11.76 11.77
C THR A 225 6.44 -11.87 12.46
N LEU A 226 5.47 -12.60 11.89
CA LEU A 226 4.14 -12.67 12.49
C LEU A 226 4.15 -13.09 13.96
N PRO A 227 4.94 -14.07 14.40
CA PRO A 227 4.93 -14.43 15.83
C PRO A 227 5.26 -13.27 16.76
N GLU A 228 5.97 -12.26 16.30
CA GLU A 228 6.32 -11.14 17.15
C GLU A 228 5.21 -10.10 17.30
N TYR A 229 4.17 -10.15 16.44
CA TYR A 229 2.99 -9.33 16.67
C TYR A 229 2.17 -9.88 17.83
N PRO A 230 1.34 -9.05 18.49
CA PRO A 230 0.37 -9.60 19.43
C PRO A 230 -0.60 -10.52 18.70
N VAL A 231 -1.26 -11.39 19.46
CA VAL A 231 -2.01 -12.48 18.84
C VAL A 231 -3.09 -11.95 17.89
N TYR A 232 -3.78 -10.87 18.27
CA TYR A 232 -4.90 -10.41 17.46
C TYR A 232 -4.49 -9.78 16.13
N SER A 233 -3.21 -9.51 15.92
CA SER A 233 -2.75 -8.96 14.64
C SER A 233 -2.15 -10.01 13.72
N ARG A 234 -1.94 -11.24 14.19
CA ARG A 234 -1.21 -12.21 13.39
C ARG A 234 -2.01 -12.65 12.18
N THR A 235 -3.26 -13.04 12.36
CA THR A 235 -4.01 -13.45 11.19
C THR A 235 -4.34 -12.24 10.30
N PRO A 236 -4.72 -11.09 10.87
CA PRO A 236 -4.92 -9.91 10.01
C PRO A 236 -3.72 -9.56 9.14
N VAL A 237 -2.51 -9.46 9.70
CA VAL A 237 -1.36 -9.09 8.89
C VAL A 237 -0.98 -10.21 7.93
N GLY A 238 -0.97 -11.45 8.41
CA GLY A 238 -0.60 -12.55 7.52
C GLY A 238 -1.62 -12.75 6.42
N GLY A 239 -2.90 -12.56 6.75
CA GLY A 239 -3.93 -12.71 5.73
C GLY A 239 -3.88 -11.61 4.69
N ALA A 240 -3.65 -10.36 5.14
CA ALA A 240 -3.49 -9.28 4.16
C ALA A 240 -2.31 -9.56 3.24
N ALA A 241 -1.20 -10.01 3.82
CA ALA A 241 -0.03 -10.35 3.01
C ALA A 241 -0.35 -11.42 2.00
N LYS A 242 -1.06 -12.47 2.43
CA LYS A 242 -1.29 -13.59 1.52
C LYS A 242 -2.37 -13.27 0.49
N MET A 243 -3.32 -12.37 0.78
CA MET A 243 -4.25 -11.96 -0.27
C MET A 243 -3.58 -11.14 -1.34
N TYR A 244 -2.54 -10.37 -1.00
CA TYR A 244 -1.80 -9.69 -2.05
C TYR A 244 -0.91 -10.66 -2.80
N ARG A 245 -0.24 -11.55 -2.07
CA ARG A 245 0.75 -12.43 -2.71
C ARG A 245 0.09 -13.35 -3.71
N ALA A 246 -1.19 -13.68 -3.49
CA ALA A 246 -1.92 -14.59 -4.35
C ALA A 246 -1.92 -14.12 -5.80
N ILE A 247 -1.81 -12.81 -6.01
CA ILE A 247 -1.85 -12.26 -7.35
C ILE A 247 -0.73 -12.82 -8.20
N ILE A 248 0.45 -13.05 -7.60
CA ILE A 248 1.63 -13.44 -8.39
C ILE A 248 1.39 -14.79 -9.07
N GLN A 249 0.95 -15.81 -8.33
CA GLN A 249 0.74 -17.11 -8.98
C GLN A 249 -0.38 -17.05 -10.00
N THR A 250 -1.43 -16.25 -9.75
CA THR A 250 -2.47 -16.10 -10.77
C THR A 250 -1.90 -15.53 -12.06
N VAL A 251 -1.05 -14.51 -11.96
CA VAL A 251 -0.45 -13.94 -13.17
C VAL A 251 0.34 -14.99 -13.92
N ARG A 252 1.15 -15.78 -13.20
CA ARG A 252 1.91 -16.87 -13.82
C ARG A 252 0.99 -17.83 -14.54
N ASN A 253 -0.11 -18.20 -13.88
CA ASN A 253 -1.05 -19.12 -14.48
C ASN A 253 -1.77 -18.50 -15.67
N ASN A 254 -1.77 -17.17 -15.77
CA ASN A 254 -2.32 -16.43 -16.89
C ASN A 254 -1.26 -16.05 -17.91
N ASP A 255 -0.10 -16.71 -17.88
CA ASP A 255 0.96 -16.47 -18.87
C ASP A 255 1.37 -15.00 -18.90
N TYR A 256 1.41 -14.38 -17.72
CA TYR A 256 1.96 -13.04 -17.55
C TYR A 256 1.15 -11.97 -18.28
N GLN A 257 -0.13 -12.23 -18.56
CA GLN A 257 -0.96 -11.25 -19.26
C GLN A 257 -1.50 -10.22 -18.26
N VAL A 258 -0.74 -9.14 -18.08
CA VAL A 258 -1.07 -8.11 -17.11
C VAL A 258 -1.33 -6.76 -17.77
N PHE A 259 -1.77 -6.79 -19.02
CA PHE A 259 -1.98 -5.51 -19.69
C PHE A 259 -3.41 -5.03 -19.63
N GLY A 260 -4.31 -5.79 -19.00
CA GLY A 260 -5.67 -5.34 -18.74
C GLY A 260 -5.94 -5.10 -17.27
N TYR A 264 -8.51 -9.72 -9.00
CA TYR A 264 -7.77 -10.97 -8.83
C TYR A 264 -8.26 -11.84 -7.69
N VAL A 265 -8.94 -11.27 -6.71
CA VAL A 265 -9.27 -12.01 -5.49
C VAL A 265 -10.68 -11.65 -5.08
N SER A 266 -11.63 -12.57 -5.27
CA SER A 266 -13.00 -12.32 -4.89
C SER A 266 -13.14 -12.32 -3.37
N ASP A 267 -14.31 -11.87 -2.90
CA ASP A 267 -14.55 -11.82 -1.46
C ASP A 267 -14.52 -13.20 -0.83
N GLN A 268 -15.12 -14.20 -1.50
CA GLN A 268 -15.01 -15.57 -0.98
C GLN A 268 -13.55 -16.02 -0.95
N MET A 269 -12.77 -15.67 -1.97
CA MET A 269 -11.37 -16.07 -1.96
C MET A 269 -10.63 -15.40 -0.80
N LYS A 270 -10.98 -14.14 -0.51
CA LYS A 270 -10.36 -13.46 0.62
C LYS A 270 -10.67 -14.16 1.93
N LYS A 271 -11.95 -14.50 2.13
CA LYS A 271 -12.34 -15.23 3.33
C LYS A 271 -11.59 -16.55 3.44
N GLN A 272 -11.39 -17.25 2.32
CA GLN A 272 -10.65 -18.50 2.32
C GLN A 272 -9.19 -18.28 2.71
N ILE A 273 -8.57 -17.22 2.20
CA ILE A 273 -7.16 -16.97 2.51
C ILE A 273 -7.00 -16.62 4.00
N ILE A 274 -7.93 -15.86 4.56
CA ILE A 274 -7.83 -15.47 5.96
C ILE A 274 -8.03 -16.69 6.86
N ALA A 275 -8.97 -17.58 6.50
CA ALA A 275 -9.15 -18.80 7.29
C ALA A 275 -7.95 -19.73 7.17
N GLU A 276 -7.40 -19.88 5.97
CA GLU A 276 -6.20 -20.69 5.82
C GLU A 276 -5.06 -20.16 6.68
N MET A 277 -4.95 -18.83 6.77
CA MET A 277 -3.87 -18.25 7.55
C MET A 277 -4.08 -18.54 9.03
N GLN A 278 -5.32 -18.50 9.47
CA GLN A 278 -5.64 -18.86 10.85
C GLN A 278 -5.16 -20.27 11.17
PA GST B . -2.96 -0.04 -2.07
O1A GST B . -4.18 0.77 -1.89
O2A GST B . -3.32 -1.61 -2.01
O3A GST B . -2.33 0.24 -3.52
O1B GST B . -1.87 0.30 -0.87
PB GST B . -0.30 -0.15 -0.99
O2B GST B . 0.57 1.09 -0.39
O3B GST B . 0.03 -0.52 -2.40
S1 GST B . -0.01 -1.54 0.09
C1 GST B . 0.48 -0.67 1.62
C2 GST B . -0.14 -1.41 2.79
C3 GST B . 0.72 -2.11 3.83
C10 GST B . 2.25 -2.10 3.74
C4 GST B . -0.09 -2.80 4.93
C5 GST B . 0.50 -4.02 5.63
C6 GST B . 1.77 -3.75 6.46
C7 GST B . 1.56 -4.25 7.89
C9 GST B . 2.66 -4.11 8.94
C8 GST B . 0.24 -4.88 8.27
#